data_5MFV
#
_entry.id   5MFV
#
_cell.length_a   68.777
_cell.length_b   68.777
_cell.length_c   232.891
_cell.angle_alpha   90.000
_cell.angle_beta   90.000
_cell.angle_gamma   90.000
#
_symmetry.space_group_name_H-M   'P 41 21 2'
#
loop_
_entity.id
_entity.type
_entity.pdbx_description
1 polymer 'Glutamate receptor ionotropic, kainate 1,Glutamate receptor ionotropic, kainate 1'
2 non-polymer '4-Cyclopropyl-3,4-dihydro-7-hydroxy-2H-1,2,4-benzothiadiazine 1,1-dioxide'
3 non-polymer 3-(CARBOXYMETHYL)-4-ISOPROPENYLPROLINE
4 non-polymer 'CHLORIDE ION'
5 non-polymer 'SULFATE ION'
6 non-polymer GLYCEROL
7 non-polymer 'ACETATE ION'
8 water water
#
_entity_poly.entity_id   1
_entity_poly.type   'polypeptide(L)'
_entity_poly.pdbx_seq_one_letter_code
;GANRTLIVTTILEEPYVMYRKSDKPLYGNDRFEGYCLDLLKELSNILGFLYDVKLVPDGKYGAQNDKGEWNGMVKELIDH
RADLAVAPLTITYVREKVIDFSKPFMTLGISILYRKGTPIDSADDLAKQTKIEYGAVRDGSTMTFFKKSKISTYEKMWAF
MSSRQQSALVKNSDEGIQRVLTTDYALLMESTSIEYVTQRNCNLTQIGGLIDSKGYGVGTPIGSPYRDKITIAILQLQEE
GKLHMMKEKWWRGNGCP
;
_entity_poly.pdbx_strand_id   A,B
#
loop_
_chem_comp.id
_chem_comp.type
_chem_comp.name
_chem_comp.formula
5PX non-polymer '4-Cyclopropyl-3,4-dihydro-7-hydroxy-2H-1,2,4-benzothiadiazine 1,1-dioxide' 'C10 H12 N2 O3 S'
ACT non-polymer 'ACETATE ION' 'C2 H3 O2 -1'
CL non-polymer 'CHLORIDE ION' 'Cl -1'
GOL non-polymer GLYCEROL 'C3 H8 O3'
KAI non-polymer 3-(CARBOXYMETHYL)-4-ISOPROPENYLPROLINE 'C10 H15 N O4'
SO4 non-polymer 'SULFATE ION' 'O4 S -2'
#
# COMPACT_ATOMS: atom_id res chain seq x y z
N ARG A 4 14.15 21.75 18.75
CA ARG A 4 13.29 21.20 19.79
C ARG A 4 13.16 19.69 19.67
N THR A 5 13.24 18.99 20.80
CA THR A 5 13.06 17.55 20.85
C THR A 5 11.59 17.16 20.58
N LEU A 6 11.34 16.33 19.56
CA LEU A 6 9.96 15.95 19.21
C LEU A 6 9.37 14.92 20.16
N ILE A 7 8.06 15.05 20.41
CA ILE A 7 7.32 14.12 21.26
C ILE A 7 6.68 13.06 20.39
N VAL A 8 7.17 11.83 20.49
CA VAL A 8 6.60 10.72 19.74
C VAL A 8 5.69 9.86 20.63
N THR A 9 4.40 9.88 20.33
CA THR A 9 3.45 9.04 21.04
C THR A 9 3.45 7.66 20.39
N THR A 10 3.31 6.64 21.20
CA THR A 10 3.29 5.28 20.69
C THR A 10 2.54 4.41 21.70
N ILE A 11 2.50 3.11 21.42
CA ILE A 11 1.75 2.22 22.28
C ILE A 11 2.46 0.87 22.32
N LEU A 12 2.42 0.16 23.45
CA LEU A 12 3.05 -1.16 23.50
C LEU A 12 2.26 -2.18 22.66
N GLU A 13 2.95 -2.81 21.72
CA GLU A 13 2.35 -3.79 20.81
C GLU A 13 3.47 -4.56 20.12
N GLU A 14 3.54 -5.87 20.36
CA GLU A 14 4.54 -6.73 19.75
C GLU A 14 4.31 -6.90 18.24
N PRO A 15 5.40 -6.83 17.44
CA PRO A 15 6.76 -6.53 17.90
C PRO A 15 7.15 -5.10 17.56
N TYR A 16 6.15 -4.24 17.41
CA TYR A 16 6.39 -2.84 17.03
C TYR A 16 7.05 -2.06 18.15
N VAL A 17 6.53 -2.22 19.38
CA VAL A 17 7.03 -1.47 20.53
C VAL A 17 6.94 -2.35 21.75
N MET A 18 8.09 -2.67 22.34
CA MET A 18 8.14 -3.58 23.47
C MET A 18 9.07 -3.04 24.55
N TYR A 19 8.77 -3.40 25.79
CA TYR A 19 9.68 -3.13 26.90
C TYR A 19 10.93 -3.99 26.77
N ARG A 20 12.08 -3.32 26.80
CA ARG A 20 13.35 -4.01 26.78
CA ARG A 20 13.36 -3.99 26.79
C ARG A 20 13.52 -4.69 28.14
N LYS A 21 13.97 -5.93 28.13
CA LYS A 21 14.11 -6.65 29.39
C LYS A 21 15.51 -6.45 29.97
N SER A 22 15.59 -5.81 31.14
CA SER A 22 16.88 -5.52 31.76
C SER A 22 16.90 -5.84 33.26
N ASP A 23 18.06 -6.27 33.75
CA ASP A 23 18.28 -6.55 35.16
C ASP A 23 18.09 -5.28 35.99
N LYS A 24 18.33 -4.13 35.36
CA LYS A 24 18.24 -2.83 36.03
C LYS A 24 17.06 -2.02 35.47
N PRO A 25 16.62 -0.98 36.21
CA PRO A 25 15.57 -0.09 35.70
C PRO A 25 16.04 0.73 34.50
N LEU A 26 15.17 0.90 33.51
CA LEU A 26 15.50 1.66 32.30
C LEU A 26 14.82 3.03 32.24
N TYR A 27 15.47 3.99 31.58
CA TYR A 27 14.95 5.35 31.49
C TYR A 27 14.86 5.84 30.04
N GLY A 28 13.90 6.70 29.78
CA GLY A 28 13.75 7.32 28.47
C GLY A 28 13.53 6.32 27.34
N ASN A 29 14.04 6.68 26.17
CA ASN A 29 13.92 5.85 24.99
C ASN A 29 14.53 4.45 25.16
N ASP A 30 15.55 4.33 26.02
CA ASP A 30 16.20 3.05 26.26
C ASP A 30 15.24 2.01 26.88
N ARG A 31 14.07 2.45 27.33
CA ARG A 31 13.07 1.51 27.85
C ARG A 31 12.53 0.59 26.76
N PHE A 32 12.59 1.06 25.52
CA PHE A 32 11.87 0.39 24.42
C PHE A 32 12.78 -0.17 23.34
N GLU A 33 12.23 -1.14 22.61
CA GLU A 33 12.84 -1.69 21.41
C GLU A 33 11.71 -2.21 20.55
N GLY A 34 12.00 -2.43 19.27
CA GLY A 34 10.98 -2.96 18.37
C GLY A 34 11.08 -2.31 17.01
N TYR A 35 10.31 -2.83 16.07
CA TYR A 35 10.31 -2.36 14.70
C TYR A 35 10.20 -0.84 14.65
N CYS A 36 9.27 -0.30 15.45
CA CYS A 36 8.97 1.13 15.40
C CYS A 36 10.08 1.97 16.00
N LEU A 37 10.87 1.35 16.89
CA LEU A 37 12.02 2.04 17.46
C LEU A 37 13.14 2.11 16.43
N ASP A 38 13.30 1.05 15.65
CA ASP A 38 14.28 1.03 14.57
C ASP A 38 13.84 2.00 13.48
N LEU A 39 12.54 2.03 13.18
CA LEU A 39 11.97 2.96 12.19
C LEU A 39 12.27 4.41 12.58
N LEU A 40 11.91 4.75 13.81
CA LEU A 40 12.16 6.05 14.38
C LEU A 40 13.63 6.46 14.24
N LYS A 41 14.53 5.52 14.48
CA LYS A 41 15.98 5.79 14.36
C LYS A 41 16.41 6.06 12.92
N GLU A 42 15.85 5.29 11.98
CA GLU A 42 16.13 5.51 10.55
C GLU A 42 15.53 6.84 10.10
N LEU A 43 14.35 7.17 10.64
CA LEU A 43 13.73 8.46 10.33
C LEU A 43 14.56 9.63 10.86
N SER A 44 14.96 9.56 12.12
CA SER A 44 15.71 10.67 12.72
C SER A 44 17.10 10.82 12.10
N ASN A 45 17.70 9.72 11.63
CA ASN A 45 18.98 9.85 10.93
C ASN A 45 18.82 10.63 9.63
N ILE A 46 17.76 10.33 8.88
CA ILE A 46 17.55 11.00 7.61
C ILE A 46 17.13 12.45 7.82
N LEU A 47 16.18 12.70 8.71
CA LEU A 47 15.65 14.05 8.89
C LEU A 47 16.40 14.92 9.92
N GLY A 48 17.14 14.30 10.83
CA GLY A 48 17.91 15.05 11.80
C GLY A 48 17.13 15.67 12.96
N PHE A 49 16.11 14.95 13.45
CA PHE A 49 15.38 15.41 14.63
C PHE A 49 15.74 14.57 15.86
N LEU A 50 15.68 15.19 17.03
CA LEU A 50 15.75 14.44 18.30
C LEU A 50 14.31 14.10 18.72
N TYR A 51 14.16 13.05 19.53
CA TYR A 51 12.84 12.62 19.92
C TYR A 51 12.80 12.00 21.31
N ASP A 52 11.63 12.10 21.94
CA ASP A 52 11.37 11.44 23.22
C ASP A 52 10.16 10.55 23.00
N VAL A 53 10.38 9.24 23.12
CA VAL A 53 9.28 8.29 22.99
C VAL A 53 8.42 8.29 24.27
N LYS A 54 7.11 8.37 24.08
CA LYS A 54 6.20 8.43 25.22
C LYS A 54 4.95 7.58 24.92
N LEU A 55 4.64 6.64 25.81
CA LEU A 55 3.45 5.81 25.67
C LEU A 55 2.18 6.68 25.75
N VAL A 56 1.22 6.43 24.85
CA VAL A 56 -0.05 7.15 24.91
C VAL A 56 -0.69 6.89 26.26
N PRO A 57 -1.02 7.98 26.98
CA PRO A 57 -1.51 7.85 28.37
C PRO A 57 -2.77 6.99 28.54
N ASP A 58 -3.75 7.08 27.65
CA ASP A 58 -4.95 6.25 27.82
C ASP A 58 -4.79 4.84 27.24
N GLY A 59 -3.62 4.55 26.67
CA GLY A 59 -3.34 3.21 26.16
C GLY A 59 -4.24 2.80 25.01
N LYS A 60 -4.66 3.75 24.17
CA LYS A 60 -5.53 3.43 23.04
C LYS A 60 -4.99 3.95 21.71
N TYR A 61 -5.47 3.37 20.61
CA TYR A 61 -5.00 3.77 19.28
C TYR A 61 -5.67 5.05 18.80
N GLY A 62 -7.00 5.08 18.83
CA GLY A 62 -7.74 6.25 18.37
C GLY A 62 -9.06 5.88 17.74
N ALA A 63 -10.16 6.07 18.46
CA ALA A 63 -11.50 5.84 17.95
C ALA A 63 -12.47 6.92 18.45
N GLN A 64 -13.66 7.00 17.83
CA GLN A 64 -14.69 7.96 18.24
C GLN A 64 -15.74 7.28 19.11
N ASN A 65 -16.19 7.95 20.17
CA ASN A 65 -17.29 7.42 20.95
C ASN A 65 -18.63 7.85 20.34
N ASP A 66 -19.72 7.68 21.09
CA ASP A 66 -21.05 8.04 20.59
C ASP A 66 -21.13 9.53 20.24
N LYS A 67 -20.49 10.36 21.05
CA LYS A 67 -20.49 11.81 20.86
C LYS A 67 -19.53 12.26 19.77
N GLY A 68 -18.87 11.31 19.11
CA GLY A 68 -17.91 11.65 18.07
C GLY A 68 -16.56 12.10 18.60
N GLU A 69 -16.39 12.03 19.91
CA GLU A 69 -15.15 12.43 20.58
C GLU A 69 -14.03 11.40 20.39
N TRP A 70 -12.82 11.89 20.12
CA TRP A 70 -11.67 11.03 19.81
C TRP A 70 -10.88 10.66 21.07
N ASN A 71 -10.16 9.54 21.02
CA ASN A 71 -9.25 9.16 22.12
C ASN A 71 -7.89 8.71 21.57
N GLY A 72 -7.05 8.16 22.43
CA GLY A 72 -5.83 7.51 21.98
C GLY A 72 -4.79 8.41 21.32
N MET A 73 -3.88 7.79 20.56
CA MET A 73 -2.80 8.54 19.91
C MET A 73 -3.36 9.57 18.94
N VAL A 74 -4.48 9.24 18.28
CA VAL A 74 -5.13 10.16 17.37
C VAL A 74 -5.53 11.46 18.10
N LYS A 75 -6.18 11.34 19.24
CA LYS A 75 -6.56 12.50 20.06
C LYS A 75 -5.33 13.31 20.51
N GLU A 76 -4.27 12.60 20.87
CA GLU A 76 -3.04 13.25 21.30
CA GLU A 76 -3.03 13.26 21.31
C GLU A 76 -2.49 14.16 20.21
N LEU A 77 -2.54 13.67 18.96
CA LEU A 77 -2.08 14.45 17.80
C LEU A 77 -3.01 15.64 17.53
N ILE A 78 -4.32 15.38 17.51
CA ILE A 78 -5.31 16.44 17.31
C ILE A 78 -5.06 17.58 18.29
N ASP A 79 -4.85 17.23 19.57
CA ASP A 79 -4.65 18.23 20.62
C ASP A 79 -3.22 18.73 20.76
N HIS A 80 -2.37 18.38 19.79
CA HIS A 80 -0.98 18.83 19.79
CA HIS A 80 -0.98 18.84 19.79
C HIS A 80 -0.25 18.49 21.09
N ARG A 81 -0.52 17.31 21.63
CA ARG A 81 0.24 16.85 22.80
C ARG A 81 1.39 15.93 22.37
N ALA A 82 1.38 15.56 21.09
CA ALA A 82 2.51 14.85 20.49
C ALA A 82 2.81 15.41 19.08
N ASP A 83 4.06 15.27 18.63
CA ASP A 83 4.45 15.71 17.29
C ASP A 83 4.22 14.63 16.25
N LEU A 84 4.46 13.39 16.63
CA LEU A 84 4.31 12.23 15.76
C LEU A 84 3.73 11.08 16.55
N ALA A 85 3.04 10.19 15.84
CA ALA A 85 2.63 8.92 16.39
C ALA A 85 3.31 7.84 15.56
N VAL A 86 4.09 6.99 16.21
CA VAL A 86 4.81 5.94 15.51
C VAL A 86 4.45 4.61 16.13
N ALA A 87 3.61 3.87 15.40
CA ALA A 87 2.93 2.70 15.95
C ALA A 87 2.25 1.97 14.80
N PRO A 88 1.73 0.76 15.05
CA PRO A 88 0.94 0.14 13.98
C PRO A 88 -0.44 0.76 13.91
N LEU A 89 -0.46 2.04 13.59
CA LEU A 89 -1.68 2.85 13.52
C LEU A 89 -2.23 2.83 12.10
N THR A 90 -3.37 2.15 11.94
CA THR A 90 -3.90 1.88 10.61
C THR A 90 -4.46 3.12 9.93
N ILE A 91 -4.08 3.32 8.67
CA ILE A 91 -4.61 4.45 7.91
C ILE A 91 -6.06 4.19 7.54
N THR A 92 -6.95 5.06 8.03
CA THR A 92 -8.38 4.90 7.75
C THR A 92 -9.04 6.24 7.42
N TYR A 93 -10.18 6.14 6.74
CA TYR A 93 -11.00 7.28 6.37
C TYR A 93 -11.27 8.19 7.56
N VAL A 94 -11.78 7.63 8.66
CA VAL A 94 -12.17 8.51 9.77
C VAL A 94 -10.96 9.16 10.43
N ARG A 95 -9.84 8.46 10.48
CA ARG A 95 -8.63 9.02 11.08
C ARG A 95 -7.96 10.07 10.17
N GLU A 96 -7.93 9.79 8.87
CA GLU A 96 -7.23 10.70 7.94
C GLU A 96 -7.92 12.06 7.88
N LYS A 97 -9.20 12.07 8.24
CA LYS A 97 -9.94 13.34 8.26
C LYS A 97 -9.54 14.25 9.44
N VAL A 98 -8.94 13.69 10.48
CA VAL A 98 -8.66 14.50 11.68
C VAL A 98 -7.17 14.64 12.00
N ILE A 99 -6.34 13.81 11.37
CA ILE A 99 -4.89 13.96 11.47
C ILE A 99 -4.30 13.82 10.07
N ASP A 100 -3.02 14.19 9.91
CA ASP A 100 -2.30 13.99 8.63
C ASP A 100 -1.39 12.76 8.73
N PHE A 101 -1.75 11.68 8.05
CA PHE A 101 -0.89 10.48 8.00
C PHE A 101 0.22 10.66 6.97
N SER A 102 1.43 10.17 7.28
CA SER A 102 2.47 10.02 6.25
C SER A 102 2.02 8.86 5.37
N LYS A 103 2.66 8.67 4.22
CA LYS A 103 2.41 7.45 3.45
C LYS A 103 2.81 6.21 4.27
N PRO A 104 2.23 5.04 3.95
CA PRO A 104 2.47 3.84 4.75
C PRO A 104 3.92 3.36 4.75
N PHE A 105 4.42 2.92 5.90
CA PHE A 105 5.74 2.29 5.99
C PHE A 105 5.64 0.75 5.96
N MET A 106 4.42 0.24 6.12
CA MET A 106 4.14 -1.19 6.11
C MET A 106 2.75 -1.43 5.54
N THR A 107 2.63 -2.40 4.63
CA THR A 107 1.33 -2.73 4.03
C THR A 107 0.75 -3.98 4.69
N LEU A 108 -0.57 -3.96 4.89
CA LEU A 108 -1.27 -5.07 5.55
C LEU A 108 -2.71 -5.18 5.04
N GLY A 109 -3.40 -6.23 5.47
CA GLY A 109 -4.79 -6.41 5.10
C GLY A 109 -5.49 -7.12 6.24
N ILE A 110 -6.81 -7.11 6.22
CA ILE A 110 -7.55 -7.87 7.20
C ILE A 110 -7.52 -9.32 6.77
N SER A 111 -7.12 -10.21 7.67
CA SER A 111 -7.22 -11.63 7.40
C SER A 111 -7.71 -12.41 8.63
N ILE A 112 -7.63 -13.74 8.57
CA ILE A 112 -8.15 -14.55 9.67
C ILE A 112 -7.07 -15.36 10.35
N LEU A 113 -6.96 -15.19 11.67
CA LEU A 113 -6.08 -16.00 12.51
C LEU A 113 -6.90 -17.14 13.09
N TYR A 114 -6.49 -18.38 12.80
CA TYR A 114 -7.23 -19.56 13.26
C TYR A 114 -6.24 -20.71 13.46
N ARG A 115 -6.71 -21.82 14.02
CA ARG A 115 -5.82 -22.95 14.24
C ARG A 115 -5.66 -23.77 12.97
N LYS A 116 -4.55 -24.50 12.85
CA LYS A 116 -4.32 -25.35 11.70
C LYS A 116 -5.26 -26.54 11.67
N GLY A 117 -5.37 -27.18 10.51
CA GLY A 117 -6.07 -28.45 10.40
C GLY A 117 -7.58 -28.33 10.31
N THR A 118 -8.07 -27.12 10.09
CA THR A 118 -9.50 -26.91 9.94
C THR A 118 -9.81 -26.86 8.45
N PRO A 119 -11.09 -27.08 8.09
CA PRO A 119 -11.49 -26.97 6.68
C PRO A 119 -11.93 -25.55 6.27
N ILE A 120 -11.95 -24.61 7.20
CA ILE A 120 -12.30 -23.22 6.90
C ILE A 120 -11.21 -22.62 5.99
N ASP A 121 -11.61 -21.98 4.90
CA ASP A 121 -10.63 -21.50 3.93
C ASP A 121 -10.80 -20.02 3.55
N SER A 122 -11.87 -19.39 4.05
CA SER A 122 -12.18 -18.02 3.67
C SER A 122 -13.10 -17.35 4.66
N ALA A 123 -13.26 -16.03 4.51
CA ALA A 123 -14.22 -15.26 5.30
C ALA A 123 -15.63 -15.80 5.06
N ASP A 124 -15.91 -16.19 3.82
CA ASP A 124 -17.24 -16.66 3.45
C ASP A 124 -17.60 -17.95 4.18
N ASP A 125 -16.61 -18.84 4.36
CA ASP A 125 -16.83 -20.05 5.15
C ASP A 125 -17.29 -19.68 6.56
N LEU A 126 -16.62 -18.71 7.18
CA LEU A 126 -17.02 -18.24 8.51
C LEU A 126 -18.41 -17.62 8.49
N ALA A 127 -18.68 -16.82 7.46
CA ALA A 127 -19.92 -16.04 7.41
C ALA A 127 -21.17 -16.90 7.33
N LYS A 128 -21.06 -18.05 6.66
CA LYS A 128 -22.23 -18.89 6.40
C LYS A 128 -22.51 -19.94 7.50
N GLN A 129 -21.85 -19.78 8.66
CA GLN A 129 -22.06 -20.70 9.77
C GLN A 129 -22.09 -19.97 11.12
N THR A 130 -22.48 -20.70 12.17
CA THR A 130 -22.64 -20.14 13.52
C THR A 130 -21.85 -20.91 14.59
N LYS A 131 -21.38 -22.12 14.26
CA LYS A 131 -20.66 -22.95 15.24
C LYS A 131 -19.30 -22.37 15.64
N ILE A 132 -18.51 -21.95 14.65
CA ILE A 132 -17.23 -21.32 14.94
C ILE A 132 -17.44 -19.84 15.20
N GLU A 133 -17.09 -19.38 16.41
CA GLU A 133 -17.18 -17.96 16.74
C GLU A 133 -16.05 -17.19 16.10
N TYR A 134 -16.31 -15.93 15.76
CA TYR A 134 -15.28 -15.08 15.21
C TYR A 134 -15.58 -13.64 15.54
N GLY A 135 -14.51 -12.84 15.63
CA GLY A 135 -14.66 -11.45 15.96
C GLY A 135 -13.35 -10.72 15.77
N ALA A 136 -13.23 -9.56 16.43
CA ALA A 136 -12.09 -8.68 16.24
C ALA A 136 -11.81 -7.88 17.52
N VAL A 137 -10.70 -7.13 17.54
CA VAL A 137 -10.44 -6.25 18.69
C VAL A 137 -11.43 -5.10 18.67
N ARG A 138 -12.15 -4.94 19.78
CA ARG A 138 -13.17 -3.89 19.87
C ARG A 138 -12.61 -2.50 19.54
N ASP A 139 -13.32 -1.77 18.67
CA ASP A 139 -13.02 -0.36 18.35
C ASP A 139 -11.75 -0.18 17.49
N GLY A 140 -11.05 -1.28 17.22
CA GLY A 140 -9.91 -1.25 16.33
C GLY A 140 -10.42 -1.03 14.91
N SER A 141 -9.52 -0.71 14.00
CA SER A 141 -9.96 -0.43 12.63
C SER A 141 -10.54 -1.66 11.91
N THR A 142 -10.18 -2.87 12.36
CA THR A 142 -10.74 -4.06 11.75
C THR A 142 -12.24 -4.14 12.04
N MET A 143 -12.60 -3.94 13.31
CA MET A 143 -14.01 -3.96 13.71
C MET A 143 -14.80 -2.92 12.96
N THR A 144 -14.24 -1.70 12.88
CA THR A 144 -14.92 -0.60 12.20
C THR A 144 -15.16 -0.94 10.73
N PHE A 145 -14.21 -1.62 10.10
CA PHE A 145 -14.38 -2.00 8.70
C PHE A 145 -15.65 -2.83 8.55
N PHE A 146 -15.78 -3.86 9.37
CA PHE A 146 -16.97 -4.70 9.30
C PHE A 146 -18.24 -3.94 9.67
N LYS A 147 -18.13 -3.06 10.66
CA LYS A 147 -19.29 -2.27 11.08
C LYS A 147 -19.78 -1.38 9.96
N LYS A 148 -18.85 -0.80 9.19
CA LYS A 148 -19.23 0.17 8.17
C LYS A 148 -19.46 -0.45 6.79
N SER A 149 -19.10 -1.71 6.62
CA SER A 149 -19.25 -2.32 5.28
C SER A 149 -20.70 -2.58 4.88
N LYS A 150 -20.98 -2.39 3.59
CA LYS A 150 -22.30 -2.71 3.02
C LYS A 150 -22.19 -3.92 2.09
N ILE A 151 -21.01 -4.54 2.05
CA ILE A 151 -20.83 -5.80 1.33
C ILE A 151 -21.57 -6.91 2.07
N SER A 152 -22.38 -7.67 1.32
CA SER A 152 -23.25 -8.70 1.88
C SER A 152 -22.59 -9.60 2.94
N THR A 153 -21.51 -10.28 2.58
CA THR A 153 -20.82 -11.19 3.49
C THR A 153 -20.32 -10.48 4.77
N TYR A 154 -19.85 -9.26 4.63
CA TYR A 154 -19.24 -8.53 5.74
C TYR A 154 -20.30 -7.94 6.69
N GLU A 155 -21.45 -7.56 6.12
CA GLU A 155 -22.62 -7.19 6.91
C GLU A 155 -23.11 -8.35 7.77
N LYS A 156 -23.11 -9.55 7.20
CA LYS A 156 -23.55 -10.72 7.93
C LYS A 156 -22.57 -11.01 9.07
N MET A 157 -21.28 -10.84 8.78
CA MET A 157 -20.24 -11.05 9.77
C MET A 157 -20.34 -10.00 10.87
N TRP A 158 -20.64 -8.76 10.49
CA TRP A 158 -20.78 -7.71 11.48
C TRP A 158 -22.00 -7.96 12.39
N ALA A 159 -23.06 -8.52 11.81
CA ALA A 159 -24.26 -8.83 12.57
C ALA A 159 -23.94 -9.89 13.64
N PHE A 160 -23.18 -10.93 13.25
CA PHE A 160 -22.75 -11.95 14.19
C PHE A 160 -21.85 -11.38 15.29
N MET A 161 -20.82 -10.64 14.86
CA MET A 161 -19.85 -10.01 15.74
C MET A 161 -20.48 -9.09 16.77
N SER A 162 -21.48 -8.34 16.35
CA SER A 162 -22.10 -7.37 17.24
C SER A 162 -23.25 -7.99 18.04
N SER A 163 -23.57 -9.25 17.76
CA SER A 163 -24.66 -9.92 18.48
C SER A 163 -24.29 -10.17 19.95
N ARG A 164 -25.30 -10.35 20.80
CA ARG A 164 -25.09 -10.64 22.23
C ARG A 164 -24.10 -9.68 22.88
N GLN A 165 -24.31 -8.37 22.69
CA GLN A 165 -23.47 -7.33 23.29
C GLN A 165 -22.00 -7.46 22.94
N GLN A 166 -21.73 -7.86 21.69
CA GLN A 166 -20.36 -7.90 21.18
C GLN A 166 -19.45 -8.89 21.92
N SER A 167 -20.03 -10.02 22.36
CA SER A 167 -19.25 -11.03 23.10
C SER A 167 -18.19 -11.72 22.23
N ALA A 168 -18.33 -11.60 20.91
CA ALA A 168 -17.36 -12.22 20.00
C ALA A 168 -16.12 -11.34 19.84
N LEU A 169 -16.20 -10.14 20.39
CA LEU A 169 -15.07 -9.20 20.32
C LEU A 169 -14.09 -9.39 21.49
N VAL A 170 -12.84 -8.97 21.29
CA VAL A 170 -11.82 -8.99 22.35
C VAL A 170 -11.28 -7.59 22.61
N LYS A 171 -10.72 -7.37 23.80
CA LYS A 171 -10.22 -6.03 24.17
C LYS A 171 -8.89 -5.71 23.50
N ASN A 172 -8.08 -6.73 23.23
CA ASN A 172 -6.75 -6.54 22.63
C ASN A 172 -6.31 -7.79 21.86
N SER A 173 -5.22 -7.67 21.11
CA SER A 173 -4.77 -8.79 20.27
C SER A 173 -4.36 -9.99 21.09
N ASP A 174 -3.59 -9.75 22.15
CA ASP A 174 -3.15 -10.86 23.01
C ASP A 174 -4.33 -11.68 23.53
N GLU A 175 -5.44 -11.01 23.84
CA GLU A 175 -6.63 -11.73 24.33
C GLU A 175 -7.24 -12.58 23.20
N GLY A 176 -7.31 -12.00 22.01
CA GLY A 176 -7.78 -12.72 20.83
C GLY A 176 -6.95 -13.97 20.56
N ILE A 177 -5.63 -13.83 20.63
CA ILE A 177 -4.71 -14.95 20.42
C ILE A 177 -4.99 -16.08 21.41
N GLN A 178 -5.11 -15.75 22.70
CA GLN A 178 -5.43 -16.80 23.67
C GLN A 178 -6.79 -17.45 23.39
N ARG A 179 -7.75 -16.65 22.93
CA ARG A 179 -9.09 -17.19 22.64
C ARG A 179 -9.05 -18.19 21.49
N VAL A 180 -8.27 -17.84 20.45
CA VAL A 180 -8.05 -18.71 19.30
C VAL A 180 -7.37 -20.02 19.71
N LEU A 181 -6.35 -19.92 20.57
CA LEU A 181 -5.58 -21.10 21.00
C LEU A 181 -6.40 -22.04 21.89
N THR A 182 -7.35 -21.47 22.63
CA THR A 182 -8.03 -22.25 23.68
C THR A 182 -9.40 -22.80 23.24
N THR A 183 -10.12 -22.00 22.46
CA THR A 183 -11.51 -22.27 22.15
C THR A 183 -11.68 -22.30 20.63
N ASP A 184 -12.90 -22.59 20.18
CA ASP A 184 -13.16 -22.63 18.74
C ASP A 184 -13.50 -21.23 18.25
N TYR A 185 -12.46 -20.45 17.95
CA TYR A 185 -12.63 -19.04 17.67
C TYR A 185 -11.63 -18.61 16.61
N ALA A 186 -12.11 -17.84 15.64
CA ALA A 186 -11.24 -17.26 14.64
C ALA A 186 -11.18 -15.74 14.87
N LEU A 187 -9.98 -15.17 14.83
CA LEU A 187 -9.83 -13.75 15.07
C LEU A 187 -9.61 -13.01 13.75
N LEU A 188 -10.45 -12.04 13.46
CA LEU A 188 -10.22 -11.18 12.31
C LEU A 188 -9.11 -10.22 12.73
N MET A 189 -7.96 -10.35 12.07
CA MET A 189 -6.75 -9.67 12.54
C MET A 189 -5.97 -9.15 11.31
N GLU A 190 -5.17 -8.10 11.52
CA GLU A 190 -4.31 -7.57 10.45
C GLU A 190 -3.19 -8.54 10.08
N SER A 191 -2.98 -8.70 8.77
CA SER A 191 -2.11 -9.74 8.24
C SER A 191 -0.69 -9.71 8.79
N THR A 192 -0.20 -8.51 9.05
CA THR A 192 1.14 -8.35 9.60
C THR A 192 1.24 -8.99 10.99
N SER A 193 0.20 -8.81 11.80
CA SER A 193 0.21 -9.39 13.14
C SER A 193 0.04 -10.90 13.07
N ILE A 194 -0.76 -11.36 12.12
CA ILE A 194 -0.96 -12.79 11.90
C ILE A 194 0.37 -13.47 11.57
N GLU A 195 1.16 -12.84 10.70
CA GLU A 195 2.48 -13.38 10.35
C GLU A 195 3.35 -13.53 11.59
N TYR A 196 3.38 -12.48 12.41
CA TYR A 196 4.21 -12.47 13.62
C TYR A 196 3.81 -13.61 14.56
N VAL A 197 2.50 -13.77 14.73
CA VAL A 197 1.96 -14.79 15.63
C VAL A 197 2.21 -16.21 15.13
N THR A 198 2.00 -16.43 13.84
CA THR A 198 2.13 -17.77 13.27
C THR A 198 3.59 -18.21 13.19
N GLN A 199 4.52 -17.26 13.19
CA GLN A 199 5.94 -17.60 13.29
C GLN A 199 6.24 -18.17 14.68
N ARG A 200 5.42 -17.83 15.66
CA ARG A 200 5.68 -18.20 17.06
C ARG A 200 4.66 -19.17 17.66
N ASN A 201 3.57 -19.41 16.93
CA ASN A 201 2.55 -20.36 17.37
C ASN A 201 2.27 -21.32 16.24
N CYS A 202 3.06 -22.38 16.16
CA CYS A 202 3.05 -23.29 15.02
C CYS A 202 1.78 -24.15 14.87
N ASN A 203 0.85 -24.01 15.80
CA ASN A 203 -0.48 -24.62 15.65
C ASN A 203 -1.48 -23.64 15.05
N LEU A 204 -1.03 -22.41 14.80
CA LEU A 204 -1.93 -21.39 14.23
C LEU A 204 -1.54 -21.09 12.80
N THR A 205 -2.51 -20.62 12.01
CA THR A 205 -2.25 -20.25 10.62
C THR A 205 -3.16 -19.11 10.16
N GLN A 206 -2.73 -18.42 9.12
CA GLN A 206 -3.64 -17.51 8.43
C GLN A 206 -4.65 -18.34 7.64
N ILE A 207 -5.91 -17.90 7.64
CA ILE A 207 -6.94 -18.51 6.80
C ILE A 207 -7.31 -17.53 5.68
N GLY A 208 -7.22 -17.99 4.43
CA GLY A 208 -7.58 -17.17 3.28
C GLY A 208 -6.60 -16.03 3.00
N GLY A 209 -6.98 -15.15 2.08
CA GLY A 209 -6.12 -14.04 1.72
C GLY A 209 -6.38 -12.76 2.52
N LEU A 210 -5.97 -11.64 1.92
CA LEU A 210 -6.17 -10.32 2.52
C LEU A 210 -7.46 -9.72 2.01
N ILE A 211 -8.16 -8.97 2.87
CA ILE A 211 -9.28 -8.14 2.43
C ILE A 211 -9.03 -6.69 2.91
N ASP A 212 -9.48 -5.70 2.13
CA ASP A 212 -9.33 -4.29 2.52
C ASP A 212 -7.85 -3.93 2.77
N SER A 213 -7.01 -4.07 1.75
CA SER A 213 -5.60 -3.77 1.93
C SER A 213 -5.40 -2.29 2.32
N LYS A 214 -4.51 -2.08 3.27
CA LYS A 214 -4.19 -0.75 3.76
C LYS A 214 -2.79 -0.77 4.33
N GLY A 215 -2.45 0.27 5.08
CA GLY A 215 -1.12 0.38 5.64
C GLY A 215 -1.10 1.08 6.99
N TYR A 216 0.06 0.99 7.64
CA TYR A 216 0.34 1.77 8.83
C TYR A 216 1.12 3.00 8.40
N GLY A 217 0.72 4.15 8.90
CA GLY A 217 1.44 5.38 8.60
C GLY A 217 1.82 6.09 9.88
N VAL A 218 2.84 6.93 9.81
CA VAL A 218 3.16 7.83 10.92
C VAL A 218 2.09 8.93 11.01
N GLY A 219 1.55 9.13 12.20
CA GLY A 219 0.52 10.14 12.37
C GLY A 219 1.14 11.46 12.78
N THR A 220 0.65 12.55 12.17
CA THR A 220 1.04 13.92 12.55
C THR A 220 -0.22 14.77 12.72
N PRO A 221 -0.16 15.85 13.53
CA PRO A 221 -1.36 16.69 13.56
C PRO A 221 -1.56 17.33 12.18
N ILE A 222 -2.80 17.70 11.85
CA ILE A 222 -3.08 18.36 10.57
C ILE A 222 -2.23 19.62 10.44
N GLY A 223 -1.53 19.75 9.30
CA GLY A 223 -0.72 20.95 9.03
C GLY A 223 0.74 20.74 9.34
N SER A 224 1.07 19.55 9.86
CA SER A 224 2.43 19.27 10.27
C SER A 224 3.44 19.36 9.14
N PRO A 225 4.51 20.15 9.35
CA PRO A 225 5.61 20.26 8.38
C PRO A 225 6.39 18.95 8.31
N TYR A 226 6.29 18.13 9.35
CA TYR A 226 6.99 16.84 9.35
C TYR A 226 6.34 15.76 8.49
N ARG A 227 5.06 15.91 8.19
CA ARG A 227 4.34 14.84 7.48
C ARG A 227 5.01 14.47 6.16
N ASP A 228 5.20 15.46 5.28
CA ASP A 228 5.70 15.16 3.95
C ASP A 228 7.16 14.70 3.98
N LYS A 229 7.94 15.26 4.91
CA LYS A 229 9.34 14.90 5.07
C LYS A 229 9.49 13.44 5.49
N ILE A 230 8.64 13.00 6.42
CA ILE A 230 8.63 11.59 6.86
C ILE A 230 8.15 10.67 5.74
N THR A 231 7.18 11.14 4.97
CA THR A 231 6.78 10.40 3.76
C THR A 231 7.97 10.18 2.84
N ILE A 232 8.74 11.24 2.61
CA ILE A 232 9.86 11.15 1.69
C ILE A 232 10.94 10.21 2.26
N ALA A 233 11.20 10.30 3.56
CA ALA A 233 12.17 9.41 4.21
C ALA A 233 11.74 7.95 4.09
N ILE A 234 10.45 7.71 4.33
CA ILE A 234 9.87 6.37 4.17
C ILE A 234 10.12 5.78 2.76
N LEU A 235 9.86 6.59 1.73
CA LEU A 235 10.08 6.12 0.37
C LEU A 235 11.55 5.81 0.11
N GLN A 236 12.43 6.55 0.77
CA GLN A 236 13.86 6.33 0.59
C GLN A 236 14.24 4.99 1.22
N LEU A 237 13.79 4.79 2.44
CA LEU A 237 14.00 3.53 3.16
C LEU A 237 13.42 2.35 2.39
N GLN A 238 12.26 2.54 1.79
CA GLN A 238 11.60 1.46 1.05
C GLN A 238 12.38 1.10 -0.22
N GLU A 239 12.78 2.11 -0.98
CA GLU A 239 13.51 1.90 -2.23
C GLU A 239 14.92 1.35 -2.01
N GLU A 240 15.46 1.55 -0.81
CA GLU A 240 16.80 1.06 -0.47
C GLU A 240 16.75 -0.38 0.08
N GLY A 241 15.55 -0.89 0.32
CA GLY A 241 15.38 -2.23 0.88
C GLY A 241 15.48 -2.34 2.40
N LYS A 242 15.51 -1.20 3.11
CA LYS A 242 15.73 -1.23 4.56
C LYS A 242 14.47 -1.57 5.35
N LEU A 243 13.31 -1.14 4.85
CA LEU A 243 12.04 -1.47 5.50
C LEU A 243 11.79 -2.98 5.45
N HIS A 244 12.18 -3.60 4.34
CA HIS A 244 12.00 -5.04 4.20
C HIS A 244 12.88 -5.73 5.22
N MET A 245 14.12 -5.28 5.31
CA MET A 245 15.09 -5.84 6.23
C MET A 245 14.66 -5.65 7.68
N MET A 246 14.02 -4.52 7.96
CA MET A 246 13.57 -4.21 9.32
C MET A 246 12.42 -5.10 9.76
N LYS A 247 11.49 -5.35 8.83
CA LYS A 247 10.42 -6.29 9.13
C LYS A 247 11.01 -7.68 9.38
N GLU A 248 11.88 -8.12 8.47
CA GLU A 248 12.46 -9.47 8.58
C GLU A 248 13.14 -9.67 9.94
N LYS A 249 13.78 -8.62 10.43
CA LYS A 249 14.47 -8.67 11.72
C LYS A 249 13.54 -8.99 12.90
N TRP A 250 12.39 -8.32 12.94
CA TRP A 250 11.47 -8.45 14.06
C TRP A 250 10.49 -9.61 13.88
N TRP A 251 10.17 -9.93 12.62
CA TRP A 251 9.16 -10.96 12.34
C TRP A 251 9.66 -12.40 12.38
N ARG A 252 10.89 -12.63 11.96
CA ARG A 252 11.39 -14.00 11.85
C ARG A 252 11.38 -14.66 13.23
N GLY A 253 10.94 -15.91 13.29
CA GLY A 253 10.90 -16.66 14.53
C GLY A 253 11.92 -17.77 14.54
N THR B 5 -13.70 23.88 -12.90
CA THR B 5 -13.38 22.64 -13.59
C THR B 5 -11.89 22.29 -13.48
N LEU B 6 -11.58 21.06 -13.08
CA LEU B 6 -10.19 20.64 -12.92
C LEU B 6 -9.60 20.02 -14.20
N ILE B 7 -8.36 20.38 -14.50
CA ILE B 7 -7.66 19.78 -15.62
C ILE B 7 -6.95 18.55 -15.10
N VAL B 8 -7.27 17.40 -15.69
CA VAL B 8 -6.68 16.13 -15.30
C VAL B 8 -5.72 15.67 -16.39
N THR B 9 -4.43 15.59 -16.06
CA THR B 9 -3.48 15.00 -16.99
C THR B 9 -3.46 13.49 -16.83
N THR B 10 -3.33 12.80 -17.96
CA THR B 10 -3.29 11.34 -17.94
C THR B 10 -2.53 10.84 -19.16
N ILE B 11 -2.46 9.53 -19.30
CA ILE B 11 -1.72 8.93 -20.42
C ILE B 11 -2.41 7.63 -20.84
N LEU B 12 -2.43 7.35 -22.14
CA LEU B 12 -3.01 6.10 -22.63
C LEU B 12 -2.20 4.91 -22.12
N GLU B 13 -2.84 4.04 -21.34
CA GLU B 13 -2.21 2.83 -20.83
C GLU B 13 -3.30 1.83 -20.42
N GLU B 14 -3.35 0.68 -21.11
CA GLU B 14 -4.35 -0.35 -20.81
C GLU B 14 -4.11 -0.96 -19.43
N PRO B 15 -5.18 -1.20 -18.67
CA PRO B 15 -6.54 -0.79 -19.01
C PRO B 15 -6.93 0.43 -18.17
N TYR B 16 -5.95 1.26 -17.83
CA TYR B 16 -6.19 2.44 -17.00
C TYR B 16 -6.93 3.54 -17.75
N VAL B 17 -6.42 3.84 -18.94
CA VAL B 17 -7.00 4.88 -19.79
C VAL B 17 -6.87 4.38 -21.21
N MET B 18 -8.00 4.19 -21.89
CA MET B 18 -7.95 3.74 -23.27
C MET B 18 -8.88 4.59 -24.13
N TYR B 19 -8.65 4.63 -25.44
CA TYR B 19 -9.61 5.20 -26.36
C TYR B 19 -10.83 4.30 -26.39
N ARG B 20 -12.01 4.89 -26.18
CA ARG B 20 -13.26 4.15 -26.20
C ARG B 20 -13.51 3.77 -27.65
N LYS B 21 -14.27 2.69 -27.88
CA LYS B 21 -14.54 2.26 -29.26
C LYS B 21 -15.92 2.70 -29.76
N SER B 22 -15.93 3.39 -30.90
CA SER B 22 -17.15 3.94 -31.48
C SER B 22 -17.00 3.96 -32.99
N ASP B 23 -18.10 4.11 -33.71
CA ASP B 23 -18.07 4.20 -35.16
C ASP B 23 -18.01 5.66 -35.57
N LYS B 24 -18.18 6.53 -34.57
CA LYS B 24 -18.22 7.96 -34.77
C LYS B 24 -16.99 8.58 -34.12
N PRO B 25 -16.48 9.68 -34.68
CA PRO B 25 -15.36 10.33 -33.98
C PRO B 25 -15.78 10.83 -32.60
N LEU B 26 -14.91 10.67 -31.60
CA LEU B 26 -15.24 11.03 -30.22
C LEU B 26 -14.57 12.33 -29.78
N TYR B 27 -15.20 13.02 -28.83
CA TYR B 27 -14.70 14.30 -28.34
C TYR B 27 -14.67 14.35 -26.81
N GLY B 28 -13.79 15.17 -26.24
CA GLY B 28 -13.75 15.42 -24.81
C GLY B 28 -13.48 14.17 -23.97
N ASN B 29 -14.05 14.13 -22.76
CA ASN B 29 -13.87 13.00 -21.85
C ASN B 29 -14.42 11.71 -22.44
N ASP B 30 -15.44 11.84 -23.29
CA ASP B 30 -16.08 10.69 -23.91
C ASP B 30 -15.11 9.92 -24.83
N ARG B 31 -13.94 10.50 -25.09
CA ARG B 31 -12.90 9.83 -25.86
C ARG B 31 -12.37 8.59 -25.12
N PHE B 32 -12.43 8.65 -23.79
CA PHE B 32 -11.70 7.70 -22.96
C PHE B 32 -12.58 6.80 -22.12
N GLU B 33 -12.05 5.62 -21.81
CA GLU B 33 -12.66 4.74 -20.81
C GLU B 33 -11.52 4.03 -20.12
N GLY B 34 -11.83 3.34 -19.02
CA GLY B 34 -10.81 2.58 -18.32
C GLY B 34 -10.88 2.79 -16.83
N TYR B 35 -10.10 1.99 -16.10
CA TYR B 35 -10.08 2.02 -14.64
C TYR B 35 -9.95 3.44 -14.10
N CYS B 36 -9.08 4.25 -14.73
CA CYS B 36 -8.79 5.58 -14.19
C CYS B 36 -9.93 6.56 -14.45
N LEU B 37 -10.69 6.31 -15.52
CA LEU B 37 -11.86 7.15 -15.80
C LEU B 37 -12.96 6.82 -14.79
N ASP B 38 -13.12 5.54 -14.49
CA ASP B 38 -14.06 5.10 -13.46
C ASP B 38 -13.68 5.68 -12.09
N LEU B 39 -12.38 5.73 -11.82
CA LEU B 39 -11.88 6.27 -10.54
C LEU B 39 -12.12 7.77 -10.48
N LEU B 40 -11.85 8.44 -11.59
CA LEU B 40 -12.05 9.88 -11.72
C LEU B 40 -13.51 10.20 -11.47
N LYS B 41 -14.38 9.43 -12.11
CA LYS B 41 -15.82 9.57 -11.90
C LYS B 41 -16.20 9.42 -10.43
N GLU B 42 -15.68 8.40 -9.76
CA GLU B 42 -15.97 8.18 -8.34
C GLU B 42 -15.45 9.30 -7.43
N LEU B 43 -14.22 9.74 -7.67
CA LEU B 43 -13.64 10.85 -6.92
C LEU B 43 -14.49 12.11 -7.11
N SER B 44 -14.87 12.40 -8.34
CA SER B 44 -15.68 13.59 -8.62
C SER B 44 -17.06 13.55 -7.94
N ASN B 45 -17.64 12.36 -7.82
CA ASN B 45 -18.91 12.21 -7.12
C ASN B 45 -18.79 12.61 -5.66
N ILE B 46 -17.80 12.02 -5.00
CA ILE B 46 -17.56 12.27 -3.58
C ILE B 46 -17.19 13.73 -3.30
N LEU B 47 -16.35 14.30 -4.17
CA LEU B 47 -15.77 15.62 -3.91
C LEU B 47 -16.53 16.79 -4.55
N GLY B 48 -17.25 16.52 -5.63
CA GLY B 48 -18.05 17.53 -6.29
C GLY B 48 -17.28 18.46 -7.19
N PHE B 49 -16.37 17.91 -8.00
CA PHE B 49 -15.66 18.73 -8.97
C PHE B 49 -15.95 18.27 -10.40
N LEU B 50 -15.93 19.22 -11.34
CA LEU B 50 -15.96 18.92 -12.76
C LEU B 50 -14.55 18.67 -13.24
N TYR B 51 -14.39 17.83 -14.27
CA TYR B 51 -13.05 17.53 -14.77
C TYR B 51 -12.90 17.47 -16.30
N ASP B 52 -11.72 17.91 -16.75
CA ASP B 52 -11.37 17.90 -18.16
CA ASP B 52 -11.36 17.92 -18.16
C ASP B 52 -10.14 17.02 -18.36
N VAL B 53 -10.33 15.87 -19.01
CA VAL B 53 -9.21 14.96 -19.20
C VAL B 53 -8.36 15.38 -20.39
N LYS B 54 -7.05 15.52 -20.16
CA LYS B 54 -6.12 15.86 -21.22
C LYS B 54 -4.90 14.93 -21.21
N LEU B 55 -4.64 14.29 -22.35
CA LEU B 55 -3.45 13.47 -22.52
C LEU B 55 -2.19 14.32 -22.37
N VAL B 56 -1.25 13.85 -21.57
CA VAL B 56 0.01 14.57 -21.39
C VAL B 56 0.67 14.77 -22.77
N PRO B 57 0.98 16.03 -23.10
CA PRO B 57 1.44 16.34 -24.46
C PRO B 57 2.68 15.56 -24.89
N ASP B 58 3.62 15.27 -23.98
CA ASP B 58 4.84 14.54 -24.38
C ASP B 58 4.75 13.02 -24.18
N GLY B 59 3.56 12.53 -23.83
CA GLY B 59 3.34 11.10 -23.65
C GLY B 59 4.27 10.39 -22.67
N LYS B 60 4.76 11.11 -21.67
CA LYS B 60 5.67 10.51 -20.68
C LYS B 60 5.09 10.57 -19.28
N TYR B 61 5.52 9.66 -18.41
CA TYR B 61 5.02 9.61 -17.03
C TYR B 61 5.65 10.69 -16.14
N GLY B 62 6.98 10.70 -16.08
CA GLY B 62 7.68 11.72 -15.32
C GLY B 62 9.02 11.23 -14.83
N ALA B 63 10.08 11.71 -15.48
CA ALA B 63 11.44 11.37 -15.08
C ALA B 63 12.30 12.62 -15.18
N GLN B 64 13.44 12.58 -14.50
CA GLN B 64 14.33 13.74 -14.37
C GLN B 64 15.59 13.53 -15.20
N ASN B 65 16.00 14.53 -15.99
CA ASN B 65 17.26 14.41 -16.73
C ASN B 65 18.53 14.87 -15.98
N GLY B 68 18.71 18.37 -14.45
CA GLY B 68 17.81 17.81 -13.45
C GLY B 68 16.36 18.28 -13.56
N GLU B 69 15.91 18.47 -14.80
CA GLU B 69 14.55 18.96 -15.07
C GLU B 69 13.59 17.82 -15.39
N TRP B 70 12.31 18.04 -15.10
CA TRP B 70 11.28 17.00 -15.23
C TRP B 70 10.47 17.06 -16.52
N ASN B 71 9.90 15.91 -16.91
CA ASN B 71 9.01 15.85 -18.07
C ASN B 71 7.69 15.20 -17.69
N GLY B 72 6.88 14.87 -18.69
CA GLY B 72 5.69 14.07 -18.46
C GLY B 72 4.62 14.65 -17.54
N MET B 73 3.83 13.77 -16.93
CA MET B 73 2.69 14.23 -16.11
C MET B 73 3.19 15.00 -14.89
N VAL B 74 4.33 14.57 -14.36
CA VAL B 74 4.95 15.27 -13.24
C VAL B 74 5.21 16.75 -13.59
N LYS B 75 5.83 17.00 -14.75
CA LYS B 75 6.09 18.36 -15.19
C LYS B 75 4.81 19.18 -15.35
N GLU B 76 3.75 18.58 -15.89
CA GLU B 76 2.48 19.28 -16.03
C GLU B 76 2.02 19.84 -14.68
N LEU B 77 2.12 19.02 -13.64
CA LEU B 77 1.73 19.39 -12.29
C LEU B 77 2.60 20.52 -11.76
N ILE B 78 3.92 20.32 -11.82
CA ILE B 78 4.90 21.34 -11.46
C ILE B 78 4.62 22.70 -12.12
N ASP B 79 4.25 22.68 -13.41
CA ASP B 79 4.00 23.92 -14.13
C ASP B 79 2.58 24.45 -13.95
N HIS B 80 1.74 23.72 -13.20
CA HIS B 80 0.33 24.09 -13.01
C HIS B 80 -0.48 24.13 -14.32
N ARG B 81 -0.17 23.21 -15.23
CA ARG B 81 -0.98 23.01 -16.43
C ARG B 81 -2.01 21.91 -16.21
N ALA B 82 -1.90 21.20 -15.10
CA ALA B 82 -2.93 20.26 -14.67
C ALA B 82 -3.11 20.38 -13.16
N ASP B 83 -4.30 20.03 -12.69
CA ASP B 83 -4.59 20.03 -11.25
C ASP B 83 -4.32 18.65 -10.65
N LEU B 84 -4.62 17.62 -11.44
CA LEU B 84 -4.49 16.23 -11.01
C LEU B 84 -3.85 15.41 -12.10
N ALA B 85 -3.08 14.41 -11.69
CA ALA B 85 -2.64 13.38 -12.61
C ALA B 85 -3.30 12.09 -12.17
N VAL B 86 -4.11 11.50 -13.04
CA VAL B 86 -4.78 10.23 -12.75
C VAL B 86 -4.33 9.21 -13.76
N ALA B 87 -3.54 8.25 -13.30
CA ALA B 87 -2.77 7.38 -14.17
C ALA B 87 -2.09 6.35 -13.28
N PRO B 88 -1.50 5.30 -13.89
CA PRO B 88 -0.74 4.38 -13.04
C PRO B 88 0.65 4.96 -12.79
N LEU B 89 0.64 6.12 -12.13
CA LEU B 89 1.85 6.86 -11.85
C LEU B 89 2.42 6.36 -10.52
N THR B 90 3.54 5.67 -10.62
CA THR B 90 4.14 5.05 -9.45
C THR B 90 4.61 6.09 -8.44
N ILE B 91 4.27 5.87 -7.17
CA ILE B 91 4.72 6.75 -6.12
C ILE B 91 6.20 6.45 -5.83
N THR B 92 7.06 7.43 -6.03
CA THR B 92 8.49 7.19 -5.80
C THR B 92 9.14 8.34 -5.06
N TYR B 93 10.29 8.03 -4.46
CA TYR B 93 11.07 9.03 -3.74
C TYR B 93 11.34 10.28 -4.59
N VAL B 94 11.89 10.11 -5.80
CA VAL B 94 12.22 11.29 -6.61
C VAL B 94 11.00 12.09 -7.02
N ARG B 95 9.90 11.39 -7.31
CA ARG B 95 8.66 12.07 -7.68
C ARG B 95 8.01 12.78 -6.48
N GLU B 96 7.99 12.12 -5.32
CA GLU B 96 7.27 12.67 -4.17
C GLU B 96 7.91 13.96 -3.70
N LYS B 97 9.20 14.12 -4.00
CA LYS B 97 9.89 15.34 -3.63
C LYS B 97 9.46 16.55 -4.49
N VAL B 98 8.84 16.30 -5.64
CA VAL B 98 8.46 17.43 -6.52
C VAL B 98 6.96 17.55 -6.82
N ILE B 99 6.18 16.57 -6.35
CA ILE B 99 4.72 16.69 -6.36
C ILE B 99 4.14 16.20 -5.03
N ASP B 100 2.87 16.54 -4.77
CA ASP B 100 2.15 15.95 -3.63
C ASP B 100 1.30 14.78 -4.12
N PHE B 101 1.75 13.56 -3.85
CA PHE B 101 0.95 12.38 -4.19
C PHE B 101 -0.19 12.19 -3.18
N SER B 102 -1.37 11.81 -3.68
CA SER B 102 -2.39 11.26 -2.80
C SER B 102 -1.87 9.94 -2.26
N LYS B 103 -2.53 9.39 -1.24
CA LYS B 103 -2.22 8.03 -0.84
C LYS B 103 -2.60 7.10 -1.98
N PRO B 104 -2.00 5.90 -2.00
CA PRO B 104 -2.23 5.00 -3.15
C PRO B 104 -3.67 4.50 -3.28
N PHE B 105 -4.16 4.46 -4.52
CA PHE B 105 -5.46 3.83 -4.81
C PHE B 105 -5.27 2.39 -5.30
N MET B 106 -4.03 2.02 -5.60
CA MET B 106 -3.75 0.65 -6.03
C MET B 106 -2.35 0.25 -5.58
N THR B 107 -2.23 -0.97 -5.11
CA THR B 107 -0.97 -1.40 -4.54
C THR B 107 -0.38 -2.48 -5.44
N LEU B 108 0.96 -2.51 -5.53
CA LEU B 108 1.63 -3.41 -6.47
C LEU B 108 3.11 -3.60 -6.10
N GLY B 109 3.84 -4.27 -6.99
CA GLY B 109 5.27 -4.44 -6.83
C GLY B 109 5.91 -4.75 -8.18
N ILE B 110 7.24 -4.84 -8.19
CA ILE B 110 7.95 -5.23 -9.37
C ILE B 110 7.95 -6.76 -9.44
N SER B 111 7.58 -7.32 -10.59
CA SER B 111 7.74 -8.77 -10.78
C SER B 111 8.27 -9.06 -12.18
N ILE B 112 8.24 -10.32 -12.59
CA ILE B 112 8.79 -10.72 -13.89
C ILE B 112 7.71 -11.23 -14.83
N LEU B 113 7.70 -10.73 -16.06
CA LEU B 113 6.82 -11.24 -17.09
C LEU B 113 7.63 -12.17 -17.98
N TYR B 114 7.15 -13.38 -18.23
CA TYR B 114 7.93 -14.32 -19.03
C TYR B 114 7.03 -15.33 -19.75
N ARG B 115 7.55 -15.96 -20.79
CA ARG B 115 6.87 -17.08 -21.42
C ARG B 115 6.77 -18.25 -20.45
N LYS B 116 5.84 -19.17 -20.73
CA LYS B 116 5.66 -20.37 -19.92
C LYS B 116 6.63 -21.48 -20.35
N GLY B 117 6.74 -22.51 -19.51
CA GLY B 117 7.44 -23.73 -19.87
C GLY B 117 8.87 -23.81 -19.38
N THR B 118 9.29 -22.83 -18.60
CA THR B 118 10.69 -22.68 -18.19
C THR B 118 10.87 -23.01 -16.71
N PRO B 119 12.09 -23.39 -16.32
CA PRO B 119 12.42 -23.62 -14.90
C PRO B 119 12.67 -22.34 -14.12
N ILE B 120 12.78 -21.20 -14.81
CA ILE B 120 12.99 -19.90 -14.15
C ILE B 120 11.92 -19.63 -13.08
N ASP B 121 12.35 -19.34 -11.85
CA ASP B 121 11.41 -19.19 -10.73
C ASP B 121 11.55 -17.89 -9.94
N SER B 122 12.54 -17.06 -10.27
CA SER B 122 12.79 -15.85 -9.49
C SER B 122 13.76 -14.90 -10.16
N ALA B 123 13.90 -13.71 -9.57
CA ALA B 123 14.84 -12.70 -10.05
C ALA B 123 16.27 -13.19 -9.91
N ASP B 124 16.54 -13.90 -8.81
CA ASP B 124 17.87 -14.43 -8.58
C ASP B 124 18.31 -15.34 -9.72
N ASP B 125 17.39 -16.17 -10.21
CA ASP B 125 17.66 -17.02 -11.38
C ASP B 125 18.17 -16.22 -12.58
N LEU B 126 17.48 -15.13 -12.90
CA LEU B 126 17.87 -14.25 -14.02
C LEU B 126 19.24 -13.62 -13.79
N ALA B 127 19.46 -13.18 -12.54
CA ALA B 127 20.68 -12.48 -12.16
C ALA B 127 21.97 -13.28 -12.37
N LYS B 128 21.94 -14.60 -12.12
CA LYS B 128 23.16 -15.40 -12.16
C LYS B 128 23.50 -15.94 -13.55
N GLN B 129 22.73 -15.54 -14.55
CA GLN B 129 23.00 -15.98 -15.93
C GLN B 129 22.98 -14.81 -16.90
N THR B 130 23.31 -15.09 -18.15
CA THR B 130 23.37 -14.08 -19.20
C THR B 130 22.75 -14.59 -20.50
N LYS B 131 22.28 -15.85 -20.48
CA LYS B 131 21.64 -16.42 -21.67
C LYS B 131 20.25 -15.85 -21.91
N ILE B 132 19.45 -15.73 -20.84
CA ILE B 132 18.15 -15.09 -20.94
C ILE B 132 18.31 -13.60 -20.74
N GLU B 133 18.02 -12.81 -21.78
CA GLU B 133 18.04 -11.35 -21.66
C GLU B 133 16.83 -10.89 -20.86
N TYR B 134 17.02 -9.83 -20.08
CA TYR B 134 15.95 -9.25 -19.28
C TYR B 134 16.16 -7.74 -19.18
N GLY B 135 15.07 -7.01 -18.91
CA GLY B 135 15.15 -5.56 -18.88
C GLY B 135 13.84 -4.94 -18.45
N ALA B 136 13.64 -3.67 -18.79
CA ALA B 136 12.52 -2.90 -18.28
C ALA B 136 12.25 -1.71 -19.17
N VAL B 137 11.11 -1.06 -18.97
CA VAL B 137 10.82 0.17 -19.71
C VAL B 137 11.81 1.26 -19.31
N ARG B 138 12.50 1.82 -20.31
CA ARG B 138 13.51 2.85 -20.05
C ARG B 138 12.92 4.07 -19.34
N ASP B 139 13.63 4.55 -18.32
CA ASP B 139 13.26 5.76 -17.56
C ASP B 139 11.98 5.60 -16.75
N GLY B 140 11.48 4.36 -16.71
CA GLY B 140 10.33 4.04 -15.87
C GLY B 140 10.77 3.80 -14.44
N SER B 141 9.82 3.74 -13.52
CA SER B 141 10.21 3.71 -12.12
C SER B 141 10.86 2.37 -11.78
N THR B 142 10.48 1.32 -12.52
CA THR B 142 11.07 0.01 -12.33
C THR B 142 12.56 0.03 -12.69
N MET B 143 12.88 0.60 -13.86
CA MET B 143 14.27 0.75 -14.28
C MET B 143 15.05 1.54 -13.24
N THR B 144 14.46 2.63 -12.77
CA THR B 144 15.12 3.48 -11.78
C THR B 144 15.34 2.75 -10.43
N PHE B 145 14.43 1.87 -10.06
CA PHE B 145 14.63 1.07 -8.86
C PHE B 145 15.94 0.28 -8.95
N PHE B 146 16.08 -0.47 -10.04
CA PHE B 146 17.30 -1.26 -10.25
C PHE B 146 18.52 -0.38 -10.35
N LYS B 147 18.35 0.79 -10.96
CA LYS B 147 19.47 1.72 -11.15
C LYS B 147 20.00 2.28 -9.83
N LYS B 148 19.09 2.53 -8.88
CA LYS B 148 19.47 3.17 -7.61
C LYS B 148 19.71 2.17 -6.46
N SER B 149 19.42 0.90 -6.70
CA SER B 149 19.54 -0.13 -5.67
C SER B 149 21.00 -0.44 -5.30
N LYS B 150 21.24 -0.65 -4.01
CA LYS B 150 22.56 -1.06 -3.54
C LYS B 150 22.52 -2.54 -3.17
N ILE B 151 21.38 -3.19 -3.47
CA ILE B 151 21.24 -4.62 -3.19
C ILE B 151 21.98 -5.42 -4.24
N SER B 152 22.86 -6.31 -3.78
CA SER B 152 23.78 -7.04 -4.64
C SER B 152 23.11 -7.64 -5.89
N THR B 153 22.05 -8.43 -5.67
CA THR B 153 21.33 -9.08 -6.76
C THR B 153 20.72 -8.09 -7.74
N TYR B 154 20.29 -6.94 -7.24
CA TYR B 154 19.67 -5.93 -8.10
C TYR B 154 20.74 -5.10 -8.83
N GLU B 155 21.86 -4.87 -8.14
CA GLU B 155 23.01 -4.20 -8.72
C GLU B 155 23.48 -4.96 -9.94
N LYS B 156 23.58 -6.28 -9.79
CA LYS B 156 24.00 -7.16 -10.87
C LYS B 156 23.02 -7.10 -12.05
N MET B 157 21.72 -7.18 -11.74
CA MET B 157 20.70 -7.06 -12.78
C MET B 157 20.79 -5.72 -13.49
N TRP B 158 21.00 -4.64 -12.72
CA TRP B 158 21.13 -3.33 -13.33
C TRP B 158 22.33 -3.26 -14.26
N ALA B 159 23.43 -3.86 -13.81
CA ALA B 159 24.65 -3.91 -14.62
C ALA B 159 24.41 -4.57 -15.97
N PHE B 160 23.58 -5.63 -15.99
CA PHE B 160 23.24 -6.30 -17.24
C PHE B 160 22.30 -5.46 -18.11
N MET B 161 21.22 -4.97 -17.50
CA MET B 161 20.22 -4.16 -18.19
C MET B 161 20.83 -2.95 -18.90
N SER B 162 21.75 -2.27 -18.22
CA SER B 162 22.29 -1.01 -18.68
C SER B 162 23.43 -1.17 -19.68
N SER B 163 23.99 -2.37 -19.76
CA SER B 163 25.14 -2.63 -20.64
C SER B 163 24.77 -2.57 -22.12
N ARG B 164 25.79 -2.59 -22.97
CA ARG B 164 25.60 -2.55 -24.42
C ARG B 164 24.61 -1.46 -24.81
N GLN B 165 24.84 -0.24 -24.33
CA GLN B 165 24.01 0.93 -24.65
C GLN B 165 22.54 0.70 -24.33
N GLN B 166 22.28 -0.10 -23.29
CA GLN B 166 20.93 -0.38 -22.80
C GLN B 166 20.03 -1.12 -23.79
N SER B 167 20.60 -2.07 -24.53
CA SER B 167 19.82 -2.83 -25.53
C SER B 167 18.78 -3.76 -24.91
N ALA B 168 18.94 -4.07 -23.62
CA ALA B 168 18.03 -4.98 -22.93
C ALA B 168 16.77 -4.24 -22.47
N LEU B 169 16.81 -2.91 -22.49
CA LEU B 169 15.66 -2.09 -22.16
C LEU B 169 14.67 -1.95 -23.35
N VAL B 170 13.43 -1.58 -23.07
CA VAL B 170 12.42 -1.34 -24.11
C VAL B 170 11.83 0.05 -23.91
N LYS B 171 11.15 0.59 -24.92
CA LYS B 171 10.60 1.95 -24.86
C LYS B 171 9.27 2.01 -24.12
N ASN B 172 8.51 0.92 -24.20
CA ASN B 172 7.16 0.87 -23.62
C ASN B 172 6.74 -0.58 -23.31
N SER B 173 5.70 -0.73 -22.51
CA SER B 173 5.30 -2.06 -22.07
C SER B 173 4.90 -2.97 -23.24
N ASP B 174 4.19 -2.40 -24.21
CA ASP B 174 3.78 -3.20 -25.37
C ASP B 174 4.99 -3.79 -26.11
N GLU B 175 6.06 -3.01 -26.24
CA GLU B 175 7.29 -3.47 -26.89
C GLU B 175 7.87 -4.61 -26.08
N GLY B 176 7.90 -4.41 -24.75
CA GLY B 176 8.36 -5.44 -23.84
C GLY B 176 7.63 -6.77 -23.97
N ILE B 177 6.30 -6.69 -24.06
CA ILE B 177 5.47 -7.90 -24.17
C ILE B 177 5.79 -8.68 -25.46
N GLN B 178 5.77 -7.99 -26.61
CA GLN B 178 6.12 -8.64 -27.86
C GLN B 178 7.51 -9.27 -27.79
N ARG B 179 8.45 -8.54 -27.20
CA ARG B 179 9.81 -9.05 -27.07
C ARG B 179 9.83 -10.33 -26.24
N VAL B 180 9.06 -10.36 -25.15
CA VAL B 180 8.88 -11.58 -24.36
C VAL B 180 8.28 -12.71 -25.19
N LEU B 181 7.29 -12.39 -26.01
CA LEU B 181 6.60 -13.42 -26.80
C LEU B 181 7.46 -14.00 -27.91
N THR B 182 8.43 -13.22 -28.40
CA THR B 182 9.19 -13.59 -29.61
C THR B 182 10.54 -14.21 -29.27
N THR B 183 11.18 -13.70 -28.22
CA THR B 183 12.58 -14.01 -27.96
C THR B 183 12.79 -14.55 -26.56
N ASP B 184 14.01 -14.94 -26.23
CA ASP B 184 14.27 -15.44 -24.88
C ASP B 184 14.51 -14.23 -23.96
N TYR B 185 13.42 -13.52 -23.65
CA TYR B 185 13.50 -12.25 -22.94
C TYR B 185 12.52 -12.26 -21.78
N ALA B 186 12.95 -11.73 -20.64
CA ALA B 186 12.05 -11.57 -19.51
C ALA B 186 11.91 -10.07 -19.26
N LEU B 187 10.70 -9.63 -18.95
CA LEU B 187 10.46 -8.20 -18.70
C LEU B 187 10.21 -7.95 -17.23
N LEU B 188 10.96 -7.00 -16.67
CA LEU B 188 10.74 -6.57 -15.30
C LEU B 188 9.60 -5.57 -15.37
N MET B 189 8.47 -5.93 -14.76
CA MET B 189 7.20 -5.23 -14.98
C MET B 189 6.43 -5.10 -13.67
N GLU B 190 5.65 -4.03 -13.55
CA GLU B 190 4.79 -3.85 -12.38
C GLU B 190 3.70 -4.94 -12.32
N SER B 191 3.53 -5.52 -11.16
CA SER B 191 2.71 -6.73 -11.03
C SER B 191 1.25 -6.57 -11.50
N THR B 192 0.69 -5.37 -11.33
CA THR B 192 -0.69 -5.14 -11.78
C THR B 192 -0.78 -5.29 -13.30
N SER B 193 0.25 -4.80 -14.00
CA SER B 193 0.25 -4.92 -15.45
C SER B 193 0.45 -6.38 -15.87
N ILE B 194 1.31 -7.10 -15.14
CA ILE B 194 1.49 -8.54 -15.40
C ILE B 194 0.16 -9.30 -15.26
N GLU B 195 -0.55 -9.08 -14.14
CA GLU B 195 -1.85 -9.70 -13.92
C GLU B 195 -2.81 -9.42 -15.07
N TYR B 196 -2.80 -8.18 -15.57
CA TYR B 196 -3.69 -7.80 -16.67
C TYR B 196 -3.38 -8.58 -17.95
N VAL B 197 -2.10 -8.62 -18.32
CA VAL B 197 -1.68 -9.25 -19.57
CA VAL B 197 -1.72 -9.25 -19.58
C VAL B 197 -1.83 -10.77 -19.51
N THR B 198 -1.48 -11.35 -18.37
CA THR B 198 -1.47 -12.80 -18.22
C THR B 198 -2.88 -13.39 -18.10
N GLN B 199 -3.88 -12.52 -17.94
CA GLN B 199 -5.27 -12.96 -18.03
C GLN B 199 -5.83 -12.74 -19.45
N ARG B 200 -5.00 -12.22 -20.34
CA ARG B 200 -5.42 -12.04 -21.73
CA ARG B 200 -5.43 -12.02 -21.73
C ARG B 200 -4.62 -12.87 -22.72
N ASN B 201 -3.33 -13.06 -22.42
CA ASN B 201 -2.46 -13.92 -23.24
C ASN B 201 -1.97 -15.11 -22.41
N CYS B 202 -2.46 -16.30 -22.75
CA CYS B 202 -2.24 -17.48 -21.91
C CYS B 202 -0.88 -18.12 -22.15
N ASN B 203 -0.10 -17.52 -23.05
CA ASN B 203 1.29 -17.93 -23.27
C ASN B 203 2.25 -17.27 -22.28
N LEU B 204 1.74 -16.27 -21.56
CA LEU B 204 2.58 -15.47 -20.66
C LEU B 204 2.25 -15.80 -19.23
N THR B 205 3.26 -15.65 -18.36
CA THR B 205 3.06 -15.85 -16.93
C THR B 205 3.95 -14.92 -16.10
N GLN B 206 3.63 -14.85 -14.82
CA GLN B 206 4.46 -14.13 -13.87
C GLN B 206 5.48 -15.10 -13.30
N ILE B 207 6.72 -14.65 -13.15
CA ILE B 207 7.74 -15.47 -12.52
C ILE B 207 8.04 -14.94 -11.13
N GLY B 208 7.90 -15.80 -10.12
CA GLY B 208 8.21 -15.45 -8.74
C GLY B 208 7.25 -14.43 -8.14
N GLY B 209 7.60 -13.90 -6.97
CA GLY B 209 6.73 -12.98 -6.26
C GLY B 209 6.92 -11.51 -6.59
N LEU B 210 6.51 -10.64 -5.67
CA LEU B 210 6.67 -9.19 -5.82
C LEU B 210 7.90 -8.70 -5.07
N ILE B 211 8.66 -7.82 -5.69
CA ILE B 211 9.74 -7.11 -5.01
C ILE B 211 9.39 -5.62 -4.95
N ASP B 212 9.81 -4.93 -3.89
CA ASP B 212 9.58 -3.49 -3.76
C ASP B 212 8.09 -3.10 -3.80
N SER B 213 7.35 -3.43 -2.74
CA SER B 213 5.96 -3.00 -2.63
C SER B 213 5.85 -1.49 -2.82
N LYS B 214 4.89 -1.08 -3.63
CA LYS B 214 4.71 0.33 -3.94
C LYS B 214 3.26 0.49 -4.36
N GLY B 215 2.86 1.72 -4.67
CA GLY B 215 1.52 1.95 -5.15
C GLY B 215 1.42 3.06 -6.17
N TYR B 216 0.25 3.16 -6.81
CA TYR B 216 -0.06 4.27 -7.72
C TYR B 216 -0.83 5.31 -6.93
N GLY B 217 -0.50 6.59 -7.12
CA GLY B 217 -1.19 7.66 -6.43
C GLY B 217 -1.63 8.76 -7.37
N VAL B 218 -2.65 9.51 -6.99
CA VAL B 218 -3.04 10.67 -7.78
C VAL B 218 -2.02 11.77 -7.52
N GLY B 219 -1.47 12.31 -8.59
CA GLY B 219 -0.49 13.38 -8.44
C GLY B 219 -1.18 14.72 -8.35
N THR B 220 -0.67 15.59 -7.48
CA THR B 220 -1.10 16.99 -7.43
C THR B 220 0.14 17.84 -7.24
N PRO B 221 0.09 19.11 -7.66
CA PRO B 221 1.29 19.92 -7.41
C PRO B 221 1.48 20.15 -5.94
N ILE B 222 2.73 20.42 -5.54
CA ILE B 222 3.03 20.67 -4.14
C ILE B 222 2.15 21.81 -3.60
N GLY B 223 1.51 21.58 -2.46
CA GLY B 223 0.70 22.59 -1.80
C GLY B 223 -0.76 22.57 -2.22
N SER B 224 -1.13 21.60 -3.06
CA SER B 224 -2.51 21.48 -3.53
C SER B 224 -3.51 21.14 -2.42
N PRO B 225 -4.64 21.88 -2.38
CA PRO B 225 -5.69 21.64 -1.39
C PRO B 225 -6.50 20.39 -1.72
N TYR B 226 -6.28 19.85 -2.92
CA TYR B 226 -7.02 18.68 -3.38
C TYR B 226 -6.38 17.35 -2.97
N ARG B 227 -5.09 17.37 -2.67
CA ARG B 227 -4.36 16.13 -2.37
C ARG B 227 -5.01 15.38 -1.21
N ASP B 228 -5.20 16.08 -0.08
CA ASP B 228 -5.78 15.43 1.09
C ASP B 228 -7.24 15.03 0.87
N LYS B 229 -7.99 15.86 0.13
CA LYS B 229 -9.39 15.56 -0.15
C LYS B 229 -9.47 14.30 -0.98
N ILE B 230 -8.51 14.13 -1.87
CA ILE B 230 -8.49 12.97 -2.75
C ILE B 230 -8.06 11.72 -1.99
N THR B 231 -7.03 11.85 -1.15
CA THR B 231 -6.67 10.77 -0.23
C THR B 231 -7.90 10.27 0.56
N ILE B 232 -8.61 11.20 1.19
CA ILE B 232 -9.80 10.85 1.98
C ILE B 232 -10.88 10.16 1.13
N ALA B 233 -11.09 10.66 -0.09
CA ALA B 233 -12.02 10.00 -1.01
C ALA B 233 -11.55 8.58 -1.37
N ILE B 234 -10.24 8.41 -1.60
CA ILE B 234 -9.68 7.09 -1.91
C ILE B 234 -9.87 6.08 -0.77
N LEU B 235 -9.62 6.51 0.46
CA LEU B 235 -9.81 5.65 1.62
C LEU B 235 -11.27 5.18 1.77
N GLN B 236 -12.22 6.08 1.53
CA GLN B 236 -13.63 5.73 1.56
C GLN B 236 -13.95 4.67 0.51
N LEU B 237 -13.42 4.88 -0.69
CA LEU B 237 -13.66 3.94 -1.81
C LEU B 237 -13.07 2.57 -1.48
N GLN B 238 -11.89 2.56 -0.86
CA GLN B 238 -11.25 1.31 -0.46
C GLN B 238 -12.06 0.61 0.63
N GLU B 239 -12.46 1.35 1.65
CA GLU B 239 -13.22 0.77 2.75
C GLU B 239 -14.62 0.30 2.34
N GLU B 240 -15.13 0.87 1.25
CA GLU B 240 -16.44 0.46 0.75
C GLU B 240 -16.37 -0.74 -0.19
N GLY B 241 -15.15 -1.11 -0.62
CA GLY B 241 -14.96 -2.24 -1.50
C GLY B 241 -15.05 -1.86 -2.97
N LYS B 242 -15.09 -0.56 -3.25
CA LYS B 242 -15.29 -0.08 -4.63
C LYS B 242 -14.02 -0.15 -5.48
N LEU B 243 -12.87 0.17 -4.87
CA LEU B 243 -11.60 0.05 -5.58
C LEU B 243 -11.42 -1.40 -6.01
N HIS B 244 -11.78 -2.32 -5.12
CA HIS B 244 -11.63 -3.74 -5.40
C HIS B 244 -12.58 -4.16 -6.53
N MET B 245 -13.78 -3.61 -6.53
CA MET B 245 -14.71 -3.93 -7.61
C MET B 245 -14.19 -3.33 -8.92
N MET B 246 -13.70 -2.10 -8.85
CA MET B 246 -13.21 -1.43 -10.06
C MET B 246 -12.06 -2.20 -10.71
N LYS B 247 -11.13 -2.71 -9.89
CA LYS B 247 -10.02 -3.51 -10.44
C LYS B 247 -10.55 -4.78 -11.10
N GLU B 248 -11.38 -5.54 -10.39
CA GLU B 248 -11.94 -6.77 -10.95
C GLU B 248 -12.62 -6.52 -12.30
N LYS B 249 -13.27 -5.37 -12.41
CA LYS B 249 -14.00 -5.04 -13.64
C LYS B 249 -13.05 -4.95 -14.84
N TRP B 250 -11.96 -4.21 -14.67
CA TRP B 250 -11.08 -3.93 -15.80
C TRP B 250 -10.01 -4.99 -16.01
N TRP B 251 -9.78 -5.84 -15.00
CA TRP B 251 -8.73 -6.87 -15.08
C TRP B 251 -9.19 -8.26 -15.57
N ARG B 252 -10.50 -8.52 -15.55
CA ARG B 252 -11.02 -9.86 -15.80
C ARG B 252 -10.53 -10.44 -17.13
N GLY B 253 -10.69 -9.67 -18.20
CA GLY B 253 -10.26 -10.12 -19.51
C GLY B 253 -10.89 -11.41 -19.99
N ASN B 254 -10.13 -12.13 -20.81
CA ASN B 254 -10.62 -13.33 -21.49
C ASN B 254 -10.50 -14.59 -20.62
N GLY B 255 -9.58 -14.53 -19.65
CA GLY B 255 -9.40 -15.61 -18.70
C GLY B 255 -8.35 -16.63 -19.10
N CYS B 256 -7.35 -16.81 -18.24
CA CYS B 256 -6.31 -17.81 -18.45
C CYS B 256 -6.15 -18.70 -17.23
N PRO B 257 -5.83 -19.98 -17.45
CA PRO B 257 -5.58 -20.91 -16.32
C PRO B 257 -4.25 -20.62 -15.61
C1 5PX C . 3.24 -0.02 -0.15
C2 5PX C . 2.07 -0.18 -0.93
C3 5PX C . 1.48 0.94 -1.57
C4 5PX C . 2.06 2.22 -1.44
C5 5PX C . 3.23 2.37 -0.66
N1 5PX C . 4.93 3.82 0.84
C6 5PX C . 5.83 2.68 0.64
N2 5PX C . 5.04 1.46 0.78
C7 5PX C . 3.86 1.27 0.00
O1 5PX C . 0.34 0.83 -2.33
S1 5PX C . 3.90 4.01 -0.52
O2 5PX C . 4.74 4.28 -1.71
O3 5PX C . 2.81 4.94 -0.08
C8 5PX C . 5.72 0.29 1.34
C9 5PX C . 6.59 0.45 2.57
C10 5PX C . 5.26 -0.26 2.67
C1 5PX D . -2.79 -0.18 0.24
C2 5PX D . -1.58 -0.47 0.90
C3 5PX D . -1.05 0.44 1.86
C4 5PX D . -1.74 1.64 2.15
C5 5PX D . -2.95 1.91 1.47
N1 5PX D . -4.69 3.64 0.47
C6 5PX D . -5.56 2.48 0.31
N2 5PX D . -4.73 1.38 -0.15
C7 5PX D . -3.50 1.04 0.50
O1 5PX D . 0.13 0.18 2.53
S1 5PX D . -3.73 3.46 1.85
O2 5PX D . -4.61 3.33 3.03
O3 5PX D . -2.68 4.52 1.75
C8 5PX D . -5.33 0.46 -1.09
C9 5PX D . -6.09 1.04 -2.26
C10 5PX D . -4.76 0.35 -2.49
N KAI E . -3.86 -1.58 14.12
CD KAI E . -3.35 -2.01 15.47
CD1 KAI E . -3.58 -3.83 17.90
CD2 KAI E . -5.78 -2.78 18.51
CA KAI E . -5.38 -1.39 14.21
CB KAI E . -5.73 -2.31 15.40
CB1 KAI E . -5.78 -3.79 14.93
CG KAI E . -4.57 -2.02 16.39
CG1 KAI E . -7.13 -4.20 14.36
CG2 KAI E . -4.56 -2.94 17.61
C KAI E . -5.76 0.13 14.40
O KAI E . -6.97 0.44 14.66
OD1 KAI E . -7.19 -5.37 13.83
OD2 KAI E . -8.07 -3.36 14.46
OXT KAI E . -4.76 0.93 14.25
CL CL F . 0.10 11.22 1.86
S SO4 G . 8.56 -5.50 0.46
O1 SO4 G . 7.14 -5.54 0.82
O2 SO4 G . 9.36 -5.46 1.68
O3 SO4 G . 8.95 -6.67 -0.33
O4 SO4 G . 8.84 -4.29 -0.31
C1 GOL H . -8.82 -0.98 22.13
O1 GOL H . -9.94 -1.85 22.07
C2 GOL H . -8.31 -0.52 20.74
O2 GOL H . -9.15 -0.90 19.67
C3 GOL H . -8.13 0.99 20.72
O3 GOL H . -6.89 1.25 21.33
N KAI I . 4.17 3.06 -13.82
CD KAI I . 3.67 2.81 -15.20
CD1 KAI I . 3.74 1.94 -17.97
CD2 KAI I . 5.73 3.36 -18.54
CA KAI I . 5.69 3.25 -13.89
CB KAI I . 6.05 2.81 -15.33
CB1 KAI I . 6.21 1.28 -15.46
CG KAI I . 4.80 3.29 -16.13
CG1 KAI I . 7.53 0.69 -14.98
CG2 KAI I . 4.69 2.80 -17.56
C KAI I . 6.02 4.76 -13.60
O KAI I . 5.01 5.43 -13.19
OD1 KAI I . 8.47 1.47 -14.70
OD2 KAI I . 7.55 -0.58 -14.89
OXT KAI I . 7.20 5.18 -13.83
S SO4 J . -7.81 -5.29 -2.09
O1 SO4 J . -8.44 -4.87 -0.84
O2 SO4 J . -7.52 -6.72 -2.01
O3 SO4 J . -8.73 -5.04 -3.20
O4 SO4 J . -6.58 -4.53 -2.30
S SO4 K . -6.73 17.66 -25.80
O1 SO4 K . -7.60 18.70 -25.27
O2 SO4 K . -6.70 16.52 -24.87
O3 SO4 K . -7.21 17.24 -27.13
O4 SO4 K . -5.38 18.21 -25.95
C ACT L . -21.85 5.89 -29.28
O ACT L . -21.67 6.07 -28.05
OXT ACT L . -21.02 5.14 -29.82
CH3 ACT L . -22.97 6.54 -30.03
#